data_1VEA
#
_entry.id   1VEA
#
_cell.length_a   95.410
_cell.length_b   95.410
_cell.length_c   95.410
_cell.angle_alpha   90.00
_cell.angle_beta   90.00
_cell.angle_gamma   90.00
#
_symmetry.space_group_name_H-M   'P 21 3'
#
loop_
_entity.id
_entity.type
_entity.pdbx_description
1 polymer 'Hut operon positive regulatory protein'
2 non-polymer N-(2-NAPHTHYL)HISTIDINAMIDE
3 water water
#
_entity_poly.entity_id   1
_entity_poly.type   'polypeptide(L)'
_entity_poly.pdbx_seq_one_letter_code
;MTLHKERRIGRLSVLLLLNEAEESTQVEELERDGWKVCLGKVGSMDAHKVIAAIETASKKSGVIQSEGYRESHALYHATM
EALHGVTRGEMLLGSLLRTVGLRFAVLRGNPYESEAEGDWIAVSLYGTIGAPIKGLEHETFGVGINHI
;
_entity_poly.pdbx_strand_id   A,B
#
# COMPACT_ATOMS: atom_id res chain seq x y z
N GLU A 6 17.26 -8.37 -4.80
CA GLU A 6 16.10 -8.22 -3.87
C GLU A 6 16.36 -7.20 -2.77
N ARG A 7 15.92 -5.96 -3.02
CA ARG A 7 16.04 -4.83 -2.06
C ARG A 7 14.94 -3.79 -2.37
N ARG A 8 13.70 -4.19 -2.09
CA ARG A 8 12.49 -3.39 -2.36
C ARG A 8 12.20 -2.19 -1.45
N ILE A 9 12.72 -1.03 -1.84
CA ILE A 9 12.54 0.19 -1.08
C ILE A 9 11.04 0.41 -0.82
N GLY A 10 10.23 0.24 -1.87
CA GLY A 10 8.80 0.42 -1.71
C GLY A 10 8.23 -0.53 -0.68
N ARG A 11 8.45 -1.83 -0.89
CA ARG A 11 7.97 -2.85 0.05
C ARG A 11 8.49 -2.58 1.45
N LEU A 12 9.77 -2.26 1.57
CA LEU A 12 10.34 -1.97 2.89
C LEU A 12 9.59 -0.84 3.61
N SER A 13 9.36 0.27 2.92
CA SER A 13 8.66 1.42 3.52
C SER A 13 7.25 1.10 4.01
N VAL A 14 6.52 0.30 3.25
CA VAL A 14 5.17 -0.03 3.69
C VAL A 14 5.25 -0.81 4.99
N LEU A 15 6.07 -1.86 5.00
CA LEU A 15 6.21 -2.68 6.18
C LEU A 15 6.55 -1.83 7.39
N LEU A 16 7.46 -0.88 7.22
CA LEU A 16 7.85 -0.02 8.34
C LEU A 16 6.63 0.73 8.85
N LEU A 17 5.77 1.09 7.90
CA LEU A 17 4.55 1.83 8.15
C LEU A 17 3.51 1.04 8.95
N LEU A 18 3.32 -0.22 8.61
CA LEU A 18 2.33 -1.05 9.28
C LEU A 18 2.85 -1.73 10.52
N ASN A 19 4.13 -2.11 10.52
CA ASN A 19 4.69 -2.81 11.68
C ASN A 19 4.79 -1.90 12.87
N GLU A 20 3.72 -1.87 13.64
CA GLU A 20 3.68 -1.05 14.84
C GLU A 20 4.33 -1.81 15.98
N ALA A 21 5.06 -2.87 15.65
CA ALA A 21 5.75 -3.69 16.65
C ALA A 21 6.58 -2.72 17.49
N GLU A 22 7.72 -2.34 16.96
CA GLU A 22 8.60 -1.41 17.63
C GLU A 22 9.61 -0.89 16.64
N GLU A 23 9.10 -0.13 15.67
CA GLU A 23 9.91 0.46 14.61
C GLU A 23 11.27 0.95 15.09
N SER A 24 11.37 1.27 16.37
CA SER A 24 12.63 1.74 16.94
C SER A 24 13.78 0.82 16.56
N THR A 25 13.46 -0.46 16.39
CA THR A 25 14.47 -1.45 16.02
C THR A 25 14.59 -1.44 14.52
N GLN A 26 13.44 -1.46 13.86
CA GLN A 26 13.36 -1.46 12.41
C GLN A 26 14.06 -0.24 11.80
N VAL A 27 13.93 0.91 12.43
CA VAL A 27 14.56 2.13 11.92
C VAL A 27 16.08 2.07 12.04
N GLU A 28 16.57 1.59 13.18
CA GLU A 28 18.01 1.49 13.38
C GLU A 28 18.57 0.28 12.61
N GLU A 29 17.72 -0.70 12.36
CA GLU A 29 18.12 -1.89 11.65
C GLU A 29 18.32 -1.56 10.17
N LEU A 30 17.55 -0.60 9.68
CA LEU A 30 17.64 -0.18 8.29
C LEU A 30 18.60 0.99 8.15
N GLU A 31 18.69 1.80 9.21
CA GLU A 31 19.59 2.95 9.20
C GLU A 31 21.03 2.46 9.13
N ARG A 32 21.29 1.33 9.79
CA ARG A 32 22.62 0.76 9.80
C ARG A 32 22.80 -0.08 8.55
N ASP A 33 21.70 -0.32 7.85
CA ASP A 33 21.76 -1.11 6.62
C ASP A 33 21.94 -0.21 5.41
N GLY A 34 22.18 1.08 5.64
CA GLY A 34 22.41 2.01 4.55
C GLY A 34 21.30 3.01 4.18
N TRP A 35 20.09 2.76 4.64
CA TRP A 35 18.97 3.64 4.32
C TRP A 35 18.85 4.89 5.18
N LYS A 36 17.99 5.80 4.74
CA LYS A 36 17.68 7.03 5.47
C LYS A 36 16.21 6.79 5.84
N VAL A 37 15.80 7.13 7.06
CA VAL A 37 14.42 6.89 7.44
C VAL A 37 13.73 8.04 8.14
N CYS A 38 12.47 8.24 7.77
CA CYS A 38 11.67 9.29 8.37
C CYS A 38 10.31 8.67 8.63
N LEU A 39 9.81 8.85 9.85
CA LEU A 39 8.54 8.29 10.27
C LEU A 39 7.68 9.40 10.90
N GLY A 40 6.49 9.64 10.37
CA GLY A 40 5.69 10.69 10.95
C GLY A 40 4.20 10.48 10.87
N LYS A 41 3.45 11.46 11.38
CA LYS A 41 2.01 11.40 11.39
C LYS A 41 1.44 12.80 11.20
N VAL A 42 0.42 12.92 10.37
CA VAL A 42 -0.22 14.20 10.11
C VAL A 42 -1.73 13.98 10.26
N GLY A 43 -2.43 14.99 10.75
CA GLY A 43 -3.86 14.88 10.96
C GLY A 43 -4.65 15.48 9.81
N SER A 44 -4.17 15.27 8.60
CA SER A 44 -4.83 15.80 7.41
C SER A 44 -4.41 15.05 6.17
N MET A 45 -5.25 15.10 5.13
CA MET A 45 -4.96 14.47 3.85
C MET A 45 -5.00 15.53 2.78
N ASP A 46 -4.68 16.75 3.20
CA ASP A 46 -4.62 17.90 2.32
C ASP A 46 -3.23 17.80 1.68
N ALA A 47 -3.17 17.83 0.36
CA ALA A 47 -1.88 17.71 -0.33
C ALA A 47 -0.80 18.60 0.25
N HIS A 48 -1.08 19.91 0.35
CA HIS A 48 -0.10 20.86 0.86
C HIS A 48 0.38 20.57 2.27
N LYS A 49 -0.55 20.30 3.18
CA LYS A 49 -0.19 20.02 4.55
C LYS A 49 0.71 18.80 4.66
N VAL A 50 0.32 17.71 4.00
CA VAL A 50 1.11 16.49 4.05
C VAL A 50 2.54 16.73 3.56
N ILE A 51 2.68 17.37 2.40
CA ILE A 51 4.00 17.63 1.84
C ILE A 51 4.89 18.42 2.77
N ALA A 52 4.33 19.49 3.35
CA ALA A 52 5.07 20.33 4.26
C ALA A 52 5.56 19.49 5.43
N ALA A 53 4.66 18.75 6.07
CA ALA A 53 5.04 17.91 7.20
C ALA A 53 6.16 16.95 6.76
N ILE A 54 5.83 16.11 5.80
CA ILE A 54 6.80 15.17 5.30
C ILE A 54 8.12 15.88 5.02
N GLU A 55 8.06 17.02 4.33
CA GLU A 55 9.26 17.77 4.01
C GLU A 55 10.05 18.16 5.27
N THR A 56 9.35 18.68 6.27
CA THR A 56 10.01 19.06 7.52
C THR A 56 10.64 17.82 8.18
N ALA A 57 9.81 16.83 8.50
CA ALA A 57 10.32 15.62 9.13
C ALA A 57 11.42 14.97 8.31
N SER A 58 11.38 15.15 6.99
CA SER A 58 12.37 14.55 6.10
C SER A 58 13.73 15.17 6.23
N LYS A 59 13.78 16.50 6.29
CA LYS A 59 15.07 17.19 6.44
C LYS A 59 15.58 16.99 7.86
N LYS A 60 14.75 17.33 8.83
CA LYS A 60 15.10 17.22 10.24
C LYS A 60 15.64 15.83 10.59
N SER A 61 15.55 14.89 9.66
CA SER A 61 16.02 13.53 9.91
C SER A 61 17.17 13.16 9.00
N GLY A 62 17.56 14.08 8.13
CA GLY A 62 18.65 13.83 7.21
C GLY A 62 18.26 12.96 6.02
N VAL A 63 16.97 12.68 5.86
CA VAL A 63 16.55 11.86 4.73
C VAL A 63 16.74 12.67 3.45
N ILE A 64 16.88 13.99 3.63
CA ILE A 64 17.08 14.91 2.50
C ILE A 64 17.80 16.17 2.99
N GLN A 65 18.74 16.66 2.19
CA GLN A 65 19.49 17.87 2.53
C GLN A 65 18.58 19.09 2.60
N SER A 66 18.75 19.88 3.66
CA SER A 66 17.96 21.08 3.91
C SER A 66 17.72 21.99 2.71
N GLU A 67 18.50 21.83 1.66
CA GLU A 67 18.34 22.65 0.45
C GLU A 67 18.71 21.84 -0.78
N GLY A 68 18.22 22.27 -1.94
CA GLY A 68 18.52 21.57 -3.17
C GLY A 68 17.29 21.06 -3.89
N TYR A 69 16.88 21.74 -4.96
CA TYR A 69 15.71 21.37 -5.73
C TYR A 69 15.59 19.89 -6.09
N ARG A 70 16.70 19.29 -6.52
CA ARG A 70 16.74 17.88 -6.92
C ARG A 70 16.07 16.87 -5.97
N GLU A 71 16.57 16.79 -4.74
CA GLU A 71 16.05 15.85 -3.77
C GLU A 71 14.63 16.19 -3.35
N SER A 72 14.36 17.49 -3.28
CA SER A 72 13.04 17.95 -2.88
C SER A 72 11.99 17.55 -3.92
N HIS A 73 12.37 17.61 -5.19
CA HIS A 73 11.46 17.25 -6.25
C HIS A 73 11.09 15.76 -6.19
N ALA A 74 12.04 14.90 -5.88
CA ALA A 74 11.76 13.48 -5.80
C ALA A 74 10.84 13.17 -4.60
N LEU A 75 11.08 13.84 -3.48
CA LEU A 75 10.25 13.64 -2.30
C LEU A 75 8.83 14.01 -2.63
N TYR A 76 8.68 15.23 -3.15
CA TYR A 76 7.38 15.76 -3.55
C TYR A 76 6.63 14.79 -4.45
N HIS A 77 7.30 14.27 -5.48
CA HIS A 77 6.65 13.35 -6.40
C HIS A 77 6.30 12.01 -5.78
N ALA A 78 7.24 11.45 -5.03
CA ALA A 78 7.01 10.18 -4.37
C ALA A 78 5.79 10.43 -3.50
N THR A 79 5.79 11.57 -2.80
CA THR A 79 4.67 11.91 -1.94
C THR A 79 3.36 12.08 -2.72
N MET A 80 3.39 12.78 -3.84
CA MET A 80 2.19 12.99 -4.65
C MET A 80 1.64 11.70 -5.22
N GLU A 81 2.52 10.79 -5.57
CA GLU A 81 2.09 9.52 -6.12
C GLU A 81 1.40 8.72 -5.03
N ALA A 82 1.93 8.80 -3.81
CA ALA A 82 1.37 8.08 -2.69
C ALA A 82 0.06 8.72 -2.23
N LEU A 83 -0.03 10.04 -2.32
CA LEU A 83 -1.27 10.73 -1.93
C LEU A 83 -2.48 10.33 -2.82
N HIS A 84 -2.20 9.96 -4.06
CA HIS A 84 -3.26 9.54 -4.97
C HIS A 84 -3.81 8.19 -4.53
N GLY A 85 -3.01 7.44 -3.77
CA GLY A 85 -3.47 6.16 -3.28
C GLY A 85 -4.43 6.35 -2.11
N VAL A 86 -3.97 7.08 -1.09
CA VAL A 86 -4.74 7.37 0.13
C VAL A 86 -6.00 8.20 -0.02
N THR A 87 -6.07 9.03 -1.06
CA THR A 87 -7.27 9.83 -1.25
C THR A 87 -8.08 9.12 -2.31
N ARG A 88 -7.84 7.82 -2.43
CA ARG A 88 -8.56 7.00 -3.38
C ARG A 88 -8.83 7.61 -4.75
N GLY A 89 -7.81 8.20 -5.37
CA GLY A 89 -7.94 8.76 -6.70
C GLY A 89 -8.57 10.14 -6.80
N GLU A 90 -8.72 10.81 -5.65
CA GLU A 90 -9.32 12.14 -5.63
C GLU A 90 -8.57 13.05 -4.68
N MET A 91 -7.46 13.59 -5.18
CA MET A 91 -6.59 14.47 -4.42
C MET A 91 -7.40 15.52 -3.68
N LEU A 92 -8.23 16.25 -4.43
CA LEU A 92 -9.05 17.33 -3.88
C LEU A 92 -9.95 16.95 -2.70
N LEU A 93 -10.53 15.76 -2.72
CA LEU A 93 -11.40 15.32 -1.63
C LEU A 93 -10.65 14.94 -0.35
N GLY A 94 -9.33 14.84 -0.46
CA GLY A 94 -8.53 14.50 0.70
C GLY A 94 -8.49 15.75 1.56
N SER A 95 -8.53 16.89 0.89
CA SER A 95 -8.52 18.17 1.57
C SER A 95 -9.83 18.26 2.37
N LEU A 96 -10.90 17.74 1.78
CA LEU A 96 -12.21 17.78 2.41
C LEU A 96 -12.43 16.87 3.59
N LEU A 97 -11.62 15.83 3.73
CA LEU A 97 -11.79 14.92 4.86
C LEU A 97 -11.39 15.50 6.20
N ARG A 98 -12.36 15.57 7.12
CA ARG A 98 -12.12 16.06 8.46
C ARG A 98 -11.92 14.76 9.27
N THR A 99 -11.46 14.89 10.51
CA THR A 99 -11.22 13.72 11.37
C THR A 99 -10.56 12.53 10.65
N VAL A 100 -9.29 12.71 10.29
CA VAL A 100 -8.53 11.69 9.58
C VAL A 100 -7.05 11.64 10.04
N GLY A 101 -6.49 10.44 10.07
CA GLY A 101 -5.11 10.28 10.47
C GLY A 101 -4.29 9.76 9.31
N LEU A 102 -3.09 10.29 9.16
CA LEU A 102 -2.20 9.87 8.09
C LEU A 102 -0.81 9.64 8.65
N ARG A 103 -0.35 8.41 8.57
CA ARG A 103 0.96 8.05 9.05
C ARG A 103 1.80 7.92 7.79
N PHE A 104 3.03 8.40 7.82
CA PHE A 104 3.89 8.33 6.65
C PHE A 104 5.30 7.81 6.92
N ALA A 105 5.89 7.19 5.91
CA ALA A 105 7.25 6.66 6.04
C ALA A 105 8.06 6.99 4.80
N VAL A 106 9.22 7.58 5.00
CA VAL A 106 10.08 7.92 3.88
C VAL A 106 11.35 7.10 3.99
N LEU A 107 11.85 6.64 2.85
CA LEU A 107 13.06 5.83 2.81
C LEU A 107 13.92 6.22 1.62
N ARG A 108 15.13 6.71 1.88
CA ARG A 108 16.01 7.09 0.78
C ARG A 108 17.30 6.25 0.78
N GLY A 109 17.59 5.61 -0.34
CA GLY A 109 18.78 4.80 -0.46
C GLY A 109 18.90 4.07 -1.79
N ASN A 110 19.98 3.33 -1.96
CA ASN A 110 20.25 2.57 -3.17
C ASN A 110 19.35 1.34 -3.23
N PRO A 111 18.66 1.09 -4.36
CA PRO A 111 17.79 -0.09 -4.50
C PRO A 111 18.54 -1.40 -4.72
N TYR A 112 19.69 -1.30 -5.38
CA TYR A 112 20.52 -2.49 -5.66
C TYR A 112 21.81 -2.29 -4.89
N GLU A 113 22.73 -3.23 -5.02
CA GLU A 113 24.00 -3.09 -4.33
C GLU A 113 25.12 -2.44 -5.13
N SER A 114 24.90 -2.20 -6.43
CA SER A 114 25.93 -1.60 -7.28
C SER A 114 26.51 -0.31 -6.72
N GLU A 115 27.68 0.08 -7.23
CA GLU A 115 28.30 1.33 -6.78
C GLU A 115 27.45 2.49 -7.29
N ALA A 116 26.89 2.30 -8.49
CA ALA A 116 26.04 3.30 -9.14
C ALA A 116 25.02 3.83 -8.13
N GLU A 117 25.27 5.04 -7.62
CA GLU A 117 24.39 5.63 -6.61
C GLU A 117 22.93 5.24 -6.77
N GLY A 118 22.37 5.46 -7.95
CA GLY A 118 20.97 5.13 -8.17
C GLY A 118 20.23 5.29 -6.85
N ASP A 119 20.35 6.47 -6.26
CA ASP A 119 19.71 6.79 -4.99
C ASP A 119 18.20 6.92 -5.22
N TRP A 120 17.40 6.19 -4.45
CA TRP A 120 15.95 6.26 -4.59
C TRP A 120 15.24 6.62 -3.29
N ILE A 121 14.03 7.15 -3.43
CA ILE A 121 13.24 7.57 -2.27
C ILE A 121 11.82 7.07 -2.41
N ALA A 122 11.30 6.53 -1.32
CA ALA A 122 9.94 6.00 -1.29
C ALA A 122 9.14 6.61 -0.16
N VAL A 123 7.91 7.03 -0.46
CA VAL A 123 7.03 7.58 0.56
C VAL A 123 5.86 6.62 0.65
N SER A 124 5.57 6.17 1.86
CA SER A 124 4.47 5.23 2.06
C SER A 124 3.48 5.87 3.02
N LEU A 125 2.22 5.86 2.63
CA LEU A 125 1.15 6.47 3.41
C LEU A 125 0.05 5.49 3.84
N TYR A 126 -0.32 5.57 5.10
CA TYR A 126 -1.38 4.73 5.62
C TYR A 126 -2.40 5.69 6.18
N GLY A 127 -3.57 5.73 5.56
CA GLY A 127 -4.60 6.62 6.01
C GLY A 127 -5.72 5.94 6.78
N THR A 128 -6.17 6.61 7.82
CA THR A 128 -7.28 6.09 8.60
C THR A 128 -8.33 7.18 8.61
N ILE A 129 -9.43 6.95 7.91
CA ILE A 129 -10.50 7.92 7.85
C ILE A 129 -11.50 7.52 8.94
N GLY A 130 -11.57 8.32 10.00
CA GLY A 130 -12.46 7.98 11.10
C GLY A 130 -13.75 8.79 11.16
N ALA A 131 -14.50 8.55 12.22
CA ALA A 131 -15.76 9.24 12.46
C ALA A 131 -15.79 9.62 13.93
N PRO A 132 -16.24 10.85 14.24
CA PRO A 132 -16.29 11.27 15.65
C PRO A 132 -16.92 10.21 16.56
N ILE A 133 -17.75 9.35 15.97
CA ILE A 133 -18.42 8.29 16.72
C ILE A 133 -17.89 6.90 16.39
N LYS A 134 -18.44 6.32 15.32
CA LYS A 134 -18.09 4.98 14.85
C LYS A 134 -16.60 4.66 14.85
N GLY A 135 -15.77 5.70 14.87
CA GLY A 135 -14.34 5.47 14.85
C GLY A 135 -13.90 5.15 13.43
N LEU A 136 -12.92 4.26 13.30
CA LEU A 136 -12.39 3.85 12.00
C LEU A 136 -13.53 3.42 11.06
N GLU A 137 -13.58 4.03 9.89
CA GLU A 137 -14.62 3.71 8.91
C GLU A 137 -14.01 3.24 7.59
N HIS A 138 -12.73 3.53 7.40
CA HIS A 138 -12.05 3.11 6.18
C HIS A 138 -10.56 3.36 6.31
N GLU A 139 -9.79 2.53 5.62
CA GLU A 139 -8.33 2.64 5.61
C GLU A 139 -7.91 2.94 4.21
N THR A 140 -6.80 3.66 4.06
CA THR A 140 -6.25 4.02 2.75
C THR A 140 -4.73 3.92 2.73
N PHE A 141 -4.20 3.37 1.64
CA PHE A 141 -2.77 3.17 1.45
C PHE A 141 -2.28 3.83 0.18
N GLY A 142 -1.01 4.20 0.17
CA GLY A 142 -0.42 4.82 -0.99
C GLY A 142 1.09 4.65 -0.95
N VAL A 143 1.71 4.65 -2.12
CA VAL A 143 3.14 4.49 -2.20
C VAL A 143 3.75 5.31 -3.34
N GLY A 144 4.94 5.84 -3.11
CA GLY A 144 5.62 6.62 -4.13
C GLY A 144 7.07 6.20 -4.18
N ILE A 145 7.56 5.84 -5.36
CA ILE A 145 8.94 5.42 -5.50
C ILE A 145 9.58 6.18 -6.64
N ASN A 146 10.57 7.01 -6.32
CA ASN A 146 11.28 7.80 -7.33
C ASN A 146 12.79 7.73 -7.14
N HIS A 147 13.53 7.98 -8.21
CA HIS A 147 14.98 8.00 -8.14
C HIS A 147 15.31 9.46 -7.83
N ILE A 148 16.46 9.70 -7.20
CA ILE A 148 16.89 11.06 -6.83
C ILE A 148 17.73 11.71 -7.95
N LYS B 5 -3.73 -6.17 19.66
CA LYS B 5 -4.02 -6.47 18.22
C LYS B 5 -5.10 -5.52 17.67
N GLU B 6 -5.25 -5.53 16.34
CA GLU B 6 -6.24 -4.69 15.65
C GLU B 6 -7.03 -5.48 14.60
N ARG B 7 -8.35 -5.26 14.55
CA ARG B 7 -9.16 -5.96 13.55
C ARG B 7 -9.26 -5.14 12.27
N ARG B 8 -8.15 -4.54 11.88
CA ARG B 8 -8.07 -3.73 10.67
C ARG B 8 -7.83 -4.64 9.48
N ILE B 9 -8.89 -4.86 8.73
CA ILE B 9 -8.85 -5.72 7.55
C ILE B 9 -7.82 -5.24 6.51
N GLY B 10 -7.75 -3.93 6.28
CA GLY B 10 -6.80 -3.41 5.31
C GLY B 10 -5.36 -3.64 5.71
N ARG B 11 -5.04 -3.23 6.93
CA ARG B 11 -3.70 -3.40 7.46
C ARG B 11 -3.31 -4.88 7.36
N LEU B 12 -4.17 -5.74 7.88
CA LEU B 12 -3.96 -7.19 7.87
C LEU B 12 -3.74 -7.64 6.45
N SER B 13 -4.66 -7.25 5.59
CA SER B 13 -4.59 -7.61 4.18
C SER B 13 -3.22 -7.32 3.55
N VAL B 14 -2.68 -6.13 3.82
CA VAL B 14 -1.38 -5.75 3.26
C VAL B 14 -0.23 -6.54 3.88
N LEU B 15 -0.22 -6.66 5.21
CA LEU B 15 0.84 -7.41 5.84
C LEU B 15 0.86 -8.83 5.29
N LEU B 16 -0.32 -9.43 5.12
CA LEU B 16 -0.39 -10.78 4.59
C LEU B 16 0.24 -10.81 3.21
N LEU B 17 -0.13 -9.82 2.41
CA LEU B 17 0.40 -9.69 1.05
C LEU B 17 1.91 -9.52 1.07
N LEU B 18 2.39 -8.60 1.90
CA LEU B 18 3.80 -8.27 1.96
C LEU B 18 4.77 -9.18 2.70
N ASN B 19 4.30 -10.34 3.16
CA ASN B 19 5.19 -11.27 3.87
C ASN B 19 5.28 -12.62 3.20
N GLU B 20 6.42 -12.84 2.54
CA GLU B 20 6.69 -14.08 1.83
C GLU B 20 7.22 -15.11 2.84
N ALA B 21 6.97 -14.87 4.12
CA ALA B 21 7.45 -15.76 5.17
C ALA B 21 6.34 -16.45 5.98
N GLU B 22 6.22 -17.76 5.77
CA GLU B 22 5.23 -18.55 6.49
C GLU B 22 3.83 -17.95 6.44
N GLU B 23 3.27 -17.89 5.23
CA GLU B 23 1.92 -17.36 5.06
C GLU B 23 1.08 -18.44 5.71
N SER B 24 1.66 -19.63 5.79
CA SER B 24 1.01 -20.79 6.38
C SER B 24 0.50 -20.43 7.77
N THR B 25 1.38 -19.92 8.62
CA THR B 25 0.99 -19.57 9.98
C THR B 25 0.30 -18.22 10.03
N GLN B 26 0.71 -17.29 9.17
CA GLN B 26 0.10 -15.97 9.16
C GLN B 26 -1.34 -16.07 8.68
N VAL B 27 -1.62 -17.06 7.85
CA VAL B 27 -2.97 -17.26 7.34
C VAL B 27 -3.81 -17.93 8.43
N GLU B 28 -3.28 -18.96 9.06
CA GLU B 28 -4.03 -19.65 10.10
C GLU B 28 -4.43 -18.76 11.26
N GLU B 29 -3.58 -17.80 11.62
CA GLU B 29 -3.91 -16.89 12.71
C GLU B 29 -5.11 -16.01 12.33
N LEU B 30 -5.22 -15.70 11.03
CA LEU B 30 -6.31 -14.88 10.53
C LEU B 30 -7.59 -15.70 10.46
N GLU B 31 -7.47 -16.93 9.95
CA GLU B 31 -8.62 -17.81 9.82
C GLU B 31 -9.15 -18.13 11.20
N ARG B 32 -8.23 -18.26 12.13
CA ARG B 32 -8.58 -18.57 13.52
C ARG B 32 -9.30 -17.42 14.19
N ASP B 33 -9.14 -16.23 13.62
CA ASP B 33 -9.76 -15.02 14.17
C ASP B 33 -10.99 -14.53 13.39
N GLY B 34 -11.72 -15.46 12.76
CA GLY B 34 -12.92 -15.10 12.03
C GLY B 34 -12.71 -14.59 10.61
N TRP B 35 -11.46 -14.44 10.18
CA TRP B 35 -11.20 -13.96 8.83
C TRP B 35 -11.16 -15.09 7.83
N LYS B 36 -11.60 -14.79 6.60
CA LYS B 36 -11.58 -15.75 5.50
C LYS B 36 -10.43 -15.21 4.66
N VAL B 37 -9.45 -16.06 4.33
CA VAL B 37 -8.31 -15.57 3.56
C VAL B 37 -8.26 -16.16 2.16
N CYS B 38 -7.25 -15.76 1.38
CA CYS B 38 -7.06 -16.22 0.01
C CYS B 38 -5.93 -15.44 -0.67
N LEU B 39 -4.92 -16.16 -1.19
CA LEU B 39 -3.79 -15.52 -1.87
C LEU B 39 -3.59 -16.07 -3.27
N GLY B 40 -2.63 -15.50 -4.00
CA GLY B 40 -2.38 -15.98 -5.35
C GLY B 40 -1.42 -15.11 -6.15
N LYS B 41 -1.46 -15.27 -7.46
CA LYS B 41 -0.60 -14.52 -8.37
C LYS B 41 -1.23 -14.37 -9.76
N VAL B 42 -0.77 -13.37 -10.50
CA VAL B 42 -1.25 -13.13 -11.86
C VAL B 42 -0.14 -12.47 -12.64
N GLY B 43 0.08 -12.92 -13.87
CA GLY B 43 1.12 -12.35 -14.70
C GLY B 43 0.54 -11.29 -15.61
N SER B 44 -0.69 -10.90 -15.33
CA SER B 44 -1.38 -9.89 -16.13
C SER B 44 -1.82 -8.70 -15.28
N MET B 45 -1.77 -7.52 -15.88
CA MET B 45 -2.19 -6.30 -15.21
C MET B 45 -3.54 -5.93 -15.80
N ASP B 46 -3.92 -6.67 -16.84
CA ASP B 46 -5.18 -6.46 -17.53
C ASP B 46 -6.35 -6.64 -16.57
N ALA B 47 -7.21 -5.64 -16.50
CA ALA B 47 -8.38 -5.68 -15.62
C ALA B 47 -9.13 -7.00 -15.71
N HIS B 48 -9.56 -7.35 -16.91
CA HIS B 48 -10.29 -8.60 -17.14
C HIS B 48 -9.54 -9.77 -16.51
N LYS B 49 -8.28 -9.91 -16.89
CA LYS B 49 -7.45 -10.99 -16.40
C LYS B 49 -7.34 -11.01 -14.88
N VAL B 50 -7.20 -9.83 -14.26
CA VAL B 50 -7.06 -9.77 -12.80
C VAL B 50 -8.34 -10.01 -12.01
N ILE B 51 -9.45 -9.41 -12.43
CA ILE B 51 -10.69 -9.61 -11.70
C ILE B 51 -11.20 -11.04 -11.89
N ALA B 52 -10.71 -11.70 -12.94
CA ALA B 52 -11.10 -13.08 -13.20
C ALA B 52 -10.34 -13.99 -12.23
N ALA B 53 -9.01 -13.84 -12.25
CA ALA B 53 -8.14 -14.63 -11.40
C ALA B 53 -8.60 -14.53 -9.97
N ILE B 54 -8.84 -13.31 -9.53
CA ILE B 54 -9.26 -13.05 -8.16
C ILE B 54 -10.64 -13.59 -7.82
N GLU B 55 -11.65 -13.27 -8.63
CA GLU B 55 -12.99 -13.76 -8.36
C GLU B 55 -12.93 -15.28 -8.16
N THR B 56 -12.16 -15.94 -9.02
CA THR B 56 -11.98 -17.39 -9.00
C THR B 56 -11.30 -17.90 -7.74
N ALA B 57 -10.03 -17.54 -7.58
CA ALA B 57 -9.27 -17.97 -6.42
C ALA B 57 -10.01 -17.68 -5.11
N SER B 58 -10.91 -16.70 -5.13
CA SER B 58 -11.65 -16.32 -3.93
C SER B 58 -12.88 -17.15 -3.64
N LYS B 59 -13.61 -17.56 -4.68
CA LYS B 59 -14.80 -18.37 -4.48
C LYS B 59 -14.40 -19.76 -4.01
N LYS B 60 -13.36 -20.30 -4.61
CA LYS B 60 -12.88 -21.62 -4.27
C LYS B 60 -12.40 -21.69 -2.81
N SER B 61 -11.90 -20.58 -2.28
CA SER B 61 -11.40 -20.58 -0.91
C SER B 61 -12.45 -20.27 0.14
N GLY B 62 -13.62 -19.84 -0.29
CA GLY B 62 -14.68 -19.52 0.66
C GLY B 62 -14.70 -18.06 1.09
N VAL B 63 -13.87 -17.25 0.44
CA VAL B 63 -13.81 -15.83 0.76
C VAL B 63 -15.15 -15.18 0.41
N ILE B 64 -15.82 -15.73 -0.60
CA ILE B 64 -17.12 -15.25 -1.04
C ILE B 64 -17.92 -16.39 -1.66
N GLN B 65 -19.22 -16.44 -1.34
CA GLN B 65 -20.10 -17.46 -1.88
C GLN B 65 -20.49 -17.04 -3.30
N SER B 66 -20.39 -17.98 -4.23
CA SER B 66 -20.75 -17.72 -5.63
C SER B 66 -22.25 -17.77 -5.86
N GLU B 67 -22.98 -17.90 -4.76
CA GLU B 67 -24.43 -18.00 -4.79
C GLU B 67 -25.15 -16.98 -5.67
N GLY B 68 -24.60 -15.78 -5.79
CA GLY B 68 -25.26 -14.79 -6.60
C GLY B 68 -24.39 -13.75 -7.27
N TYR B 69 -24.75 -12.49 -7.09
CA TYR B 69 -24.02 -11.38 -7.67
C TYR B 69 -23.51 -10.39 -6.61
N ARG B 70 -24.30 -10.16 -5.56
CA ARG B 70 -23.92 -9.23 -4.51
C ARG B 70 -22.49 -9.36 -4.00
N GLU B 71 -22.14 -10.54 -3.46
CA GLU B 71 -20.80 -10.76 -2.93
C GLU B 71 -19.72 -10.71 -4.01
N SER B 72 -20.06 -11.06 -5.25
CA SER B 72 -19.11 -11.02 -6.35
C SER B 72 -18.89 -9.56 -6.74
N HIS B 73 -19.97 -8.78 -6.65
CA HIS B 73 -19.93 -7.36 -6.99
C HIS B 73 -19.10 -6.58 -6.00
N ALA B 74 -19.16 -6.96 -4.73
CA ALA B 74 -18.40 -6.26 -3.71
C ALA B 74 -16.91 -6.51 -3.93
N LEU B 75 -16.57 -7.71 -4.40
CA LEU B 75 -15.19 -8.09 -4.65
C LEU B 75 -14.59 -7.34 -5.83
N TYR B 76 -15.40 -7.16 -6.87
CA TYR B 76 -14.97 -6.49 -8.08
C TYR B 76 -14.52 -5.04 -7.83
N HIS B 77 -15.37 -4.29 -7.14
CA HIS B 77 -15.10 -2.91 -6.79
C HIS B 77 -13.85 -2.77 -5.94
N ALA B 78 -13.68 -3.71 -5.03
CA ALA B 78 -12.52 -3.73 -4.15
C ALA B 78 -11.25 -3.97 -4.97
N THR B 79 -11.37 -4.90 -5.92
CA THR B 79 -10.27 -5.28 -6.79
C THR B 79 -9.88 -4.16 -7.75
N MET B 80 -10.89 -3.42 -8.22
CA MET B 80 -10.69 -2.32 -9.15
C MET B 80 -9.95 -1.18 -8.46
N GLU B 81 -10.37 -0.86 -7.24
CA GLU B 81 -9.71 0.21 -6.52
C GLU B 81 -8.25 -0.18 -6.34
N ALA B 82 -8.03 -1.44 -5.94
CA ALA B 82 -6.69 -1.94 -5.73
C ALA B 82 -5.90 -1.96 -7.03
N LEU B 83 -6.60 -2.22 -8.13
CA LEU B 83 -5.96 -2.27 -9.44
C LEU B 83 -5.74 -0.86 -9.94
N HIS B 84 -6.74 -0.02 -9.71
CA HIS B 84 -6.68 1.37 -10.11
C HIS B 84 -5.45 1.99 -9.52
N GLY B 85 -4.93 1.36 -8.47
CA GLY B 85 -3.73 1.85 -7.82
C GLY B 85 -2.49 1.20 -8.38
N VAL B 86 -2.57 -0.10 -8.65
CA VAL B 86 -1.45 -0.76 -9.23
C VAL B 86 -1.12 -0.04 -10.55
N THR B 87 -2.12 0.25 -11.37
CA THR B 87 -1.91 0.97 -12.62
C THR B 87 -1.88 2.44 -12.21
N ARG B 88 -0.86 2.79 -11.44
CA ARG B 88 -0.74 4.16 -10.94
C ARG B 88 -0.93 5.21 -12.01
N GLY B 89 0.16 5.56 -12.67
CA GLY B 89 0.12 6.57 -13.72
C GLY B 89 1.29 6.35 -14.65
N GLU B 90 2.50 6.22 -14.08
CA GLU B 90 3.70 5.96 -14.86
C GLU B 90 3.51 4.55 -15.40
N MET B 91 2.41 3.93 -14.99
CA MET B 91 2.05 2.59 -15.42
C MET B 91 0.94 2.74 -16.47
N LEU B 92 0.82 3.95 -16.99
CA LEU B 92 -0.18 4.25 -18.03
C LEU B 92 0.62 4.45 -19.32
N LEU B 93 1.90 4.73 -19.14
CA LEU B 93 2.85 4.92 -20.23
C LEU B 93 3.48 3.55 -20.49
N GLY B 94 3.71 2.84 -19.39
CA GLY B 94 4.25 1.51 -19.47
C GLY B 94 3.12 0.58 -19.89
N SER B 95 3.00 0.38 -21.20
CA SER B 95 1.97 -0.47 -21.75
C SER B 95 2.39 -0.93 -23.13
N LEU B 96 3.37 -1.82 -23.16
CA LEU B 96 3.88 -2.38 -24.41
C LEU B 96 4.07 -3.89 -24.30
N LEU B 97 3.00 -4.59 -23.91
CA LEU B 97 3.07 -6.05 -23.74
C LEU B 97 4.28 -6.36 -22.84
N ARG B 98 4.45 -5.54 -21.80
CA ARG B 98 5.56 -5.71 -20.86
C ARG B 98 5.30 -6.91 -19.95
N THR B 99 6.23 -7.14 -19.01
CA THR B 99 6.09 -8.26 -18.08
C THR B 99 5.66 -7.77 -16.70
N VAL B 100 4.61 -8.38 -16.16
CA VAL B 100 4.10 -8.00 -14.86
C VAL B 100 3.83 -9.25 -14.01
N GLY B 101 4.19 -9.15 -12.73
CA GLY B 101 3.98 -10.26 -11.82
C GLY B 101 3.31 -9.80 -10.54
N LEU B 102 1.98 -9.74 -10.57
CA LEU B 102 1.22 -9.32 -9.40
C LEU B 102 0.89 -10.47 -8.47
N ARG B 103 1.03 -10.19 -7.17
CA ARG B 103 0.70 -11.16 -6.13
C ARG B 103 -0.37 -10.47 -5.33
N PHE B 104 -1.32 -11.24 -4.79
CA PHE B 104 -2.40 -10.62 -4.04
C PHE B 104 -2.76 -11.33 -2.76
N ALA B 105 -3.75 -10.77 -2.08
CA ALA B 105 -4.25 -11.30 -0.82
C ALA B 105 -5.65 -10.73 -0.72
N VAL B 106 -6.56 -11.54 -0.21
CA VAL B 106 -7.93 -11.11 -0.06
C VAL B 106 -8.33 -11.52 1.33
N LEU B 107 -8.95 -10.61 2.07
CA LEU B 107 -9.41 -10.88 3.41
C LEU B 107 -10.88 -10.52 3.45
N ARG B 108 -11.67 -11.34 4.13
CA ARG B 108 -13.09 -11.09 4.23
C ARG B 108 -13.50 -11.43 5.66
N GLY B 109 -14.24 -10.52 6.30
CA GLY B 109 -14.66 -10.76 7.66
C GLY B 109 -15.31 -9.52 8.22
N ASN B 110 -15.12 -9.26 9.51
CA ASN B 110 -15.73 -8.10 10.11
C ASN B 110 -14.87 -7.13 10.90
N PRO B 111 -14.48 -5.99 10.30
CA PRO B 111 -13.66 -5.02 11.04
C PRO B 111 -14.59 -4.63 12.19
N TYR B 112 -14.77 -5.58 13.11
CA TYR B 112 -15.69 -5.47 14.24
C TYR B 112 -16.03 -4.11 14.84
N GLU B 113 -15.06 -3.45 15.48
CA GLU B 113 -15.35 -2.18 16.16
C GLU B 113 -16.35 -2.59 17.26
N SER B 114 -17.50 -1.94 17.33
CA SER B 114 -18.52 -2.31 18.30
C SER B 114 -19.73 -2.86 17.55
N GLU B 115 -20.02 -2.27 16.39
CA GLU B 115 -21.14 -2.65 15.55
C GLU B 115 -20.82 -3.61 14.40
N ALA B 116 -21.65 -4.64 14.26
CA ALA B 116 -21.50 -5.60 13.19
C ALA B 116 -22.41 -5.10 12.07
N GLU B 117 -22.04 -3.96 11.49
CA GLU B 117 -22.80 -3.36 10.40
C GLU B 117 -22.87 -4.36 9.26
N GLY B 118 -21.93 -5.30 9.25
CA GLY B 118 -21.87 -6.33 8.23
C GLY B 118 -20.48 -6.92 8.09
N ASP B 119 -20.10 -7.22 6.85
CA ASP B 119 -18.79 -7.78 6.57
C ASP B 119 -18.05 -6.94 5.54
N TRP B 120 -16.74 -6.80 5.76
CA TRP B 120 -15.92 -6.04 4.84
C TRP B 120 -15.09 -7.02 4.03
N ILE B 121 -14.25 -6.47 3.16
CA ILE B 121 -13.42 -7.30 2.31
C ILE B 121 -12.31 -6.46 1.72
N ALA B 122 -11.07 -6.90 1.93
CA ALA B 122 -9.93 -6.17 1.39
C ALA B 122 -9.21 -6.97 0.31
N VAL B 123 -8.70 -6.24 -0.67
CA VAL B 123 -7.96 -6.84 -1.78
C VAL B 123 -6.75 -5.97 -1.98
N SER B 124 -5.58 -6.52 -1.67
CA SER B 124 -4.33 -5.78 -1.82
C SER B 124 -3.47 -6.45 -2.88
N LEU B 125 -2.80 -5.66 -3.70
CA LEU B 125 -1.96 -6.20 -4.75
C LEU B 125 -0.53 -5.67 -4.69
N TYR B 126 0.42 -6.56 -4.91
CA TYR B 126 1.81 -6.16 -4.92
C TYR B 126 2.52 -6.94 -5.99
N GLY B 127 3.24 -6.25 -6.84
CA GLY B 127 3.94 -6.94 -7.88
C GLY B 127 5.03 -6.09 -8.48
N THR B 128 5.55 -6.54 -9.61
CA THR B 128 6.60 -5.81 -10.28
C THR B 128 6.26 -5.65 -11.76
N ILE B 129 6.69 -4.54 -12.35
CA ILE B 129 6.47 -4.28 -13.76
C ILE B 129 7.85 -4.11 -14.37
N GLY B 130 8.18 -4.93 -15.35
CA GLY B 130 9.48 -4.82 -15.96
C GLY B 130 9.64 -3.50 -16.70
N ALA B 131 10.86 -2.98 -16.74
CA ALA B 131 11.13 -1.74 -17.44
C ALA B 131 11.71 -2.10 -18.79
N PRO B 132 11.61 -1.19 -19.76
CA PRO B 132 12.16 -1.49 -21.09
C PRO B 132 13.68 -1.42 -21.04
N ILE B 133 14.23 -1.31 -19.83
CA ILE B 133 15.67 -1.26 -19.59
C ILE B 133 16.02 -2.43 -18.69
N LYS B 134 16.92 -3.30 -19.16
CA LYS B 134 17.34 -4.45 -18.38
C LYS B 134 17.88 -4.00 -17.02
N GLY B 135 17.54 -4.74 -15.98
CA GLY B 135 18.01 -4.39 -14.65
C GLY B 135 17.27 -3.22 -14.04
N LEU B 136 15.97 -3.16 -14.29
CA LEU B 136 15.14 -2.11 -13.73
C LEU B 136 13.70 -2.55 -13.73
N GLU B 137 13.09 -2.56 -12.54
CA GLU B 137 11.71 -2.96 -12.39
C GLU B 137 11.05 -2.00 -11.41
N HIS B 138 9.79 -1.70 -11.68
CA HIS B 138 9.05 -0.79 -10.81
C HIS B 138 8.12 -1.57 -9.90
N GLU B 139 7.98 -1.09 -8.68
CA GLU B 139 7.11 -1.75 -7.71
C GLU B 139 5.72 -1.16 -7.79
N THR B 140 4.72 -2.03 -7.76
CA THR B 140 3.33 -1.61 -7.81
C THR B 140 2.62 -2.00 -6.53
N PHE B 141 1.57 -1.26 -6.22
CA PHE B 141 0.85 -1.50 -4.99
C PHE B 141 -0.54 -0.88 -5.02
N GLY B 142 -1.54 -1.67 -4.65
CA GLY B 142 -2.90 -1.16 -4.64
C GLY B 142 -3.73 -1.90 -3.62
N VAL B 143 -4.66 -1.19 -2.99
CA VAL B 143 -5.53 -1.82 -2.01
C VAL B 143 -6.97 -1.36 -2.25
N GLY B 144 -7.92 -2.26 -2.03
CA GLY B 144 -9.32 -1.89 -2.23
C GLY B 144 -10.16 -2.48 -1.11
N ILE B 145 -10.74 -1.62 -0.30
CA ILE B 145 -11.57 -2.09 0.79
C ILE B 145 -12.99 -1.79 0.40
N ASN B 146 -13.88 -2.74 0.65
CA ASN B 146 -15.29 -2.60 0.31
C ASN B 146 -16.14 -3.29 1.36
N HIS B 147 -17.42 -2.93 1.41
CA HIS B 147 -18.34 -3.50 2.37
C HIS B 147 -19.23 -4.48 1.63
N ILE B 148 -19.26 -5.73 2.09
CA ILE B 148 -20.08 -6.75 1.44
C ILE B 148 -21.52 -6.27 1.42
C1 HBN C . -11.41 4.66 -6.60
C2 HBN C . -12.26 5.16 -7.60
C3 HBN C . -11.72 5.69 -8.80
C4 HBN C . -10.31 5.73 -9.01
C4A HBN C . -9.43 5.22 -8.02
C8A HBN C . -10.00 4.68 -6.78
C8 HBN C . -9.15 4.18 -5.81
C7 HBN C . -7.73 4.19 -5.95
C6 HBN C . -7.16 4.72 -7.15
C5 HBN C . -8.01 5.24 -8.18
N1 HBN C . -6.99 3.71 -5.03
N HBN C . -4.08 2.41 -3.02
CA HBN C . -5.45 2.59 -3.45
C HBN C . -5.83 2.84 -4.91
O HBN C . -5.24 2.30 -5.82
CB HBN C . -6.52 2.54 -2.63
CG HBN C . -6.76 2.30 -1.18
ND1 HBN C . -8.01 2.47 -0.64
CD2 HBN C . -5.84 1.89 -0.23
CE1 HBN C . -7.74 2.14 0.64
NE2 HBN C . -6.46 1.78 0.99
#